data_7NLQ
#
_entry.id   7NLQ
#
_cell.length_a   174.926
_cell.length_b   174.926
_cell.length_c   72.908
_cell.angle_alpha   90.000
_cell.angle_beta   90.000
_cell.angle_gamma   120.000
#
_symmetry.space_group_name_H-M   'H 3 2'
#
loop_
_entity.id
_entity.type
_entity.pdbx_description
1 polymer 'Acetylglutamate kinase'
2 non-polymer 2-(1,2-oxazol-5-yl)phenol
3 non-polymer 'SULFATE ION'
4 water water
#
_entity_poly.entity_id   1
_entity_poly.type   'polypeptide(L)'
_entity_poly.pdbx_seq_one_letter_code
;GSMVSRIEALPTHIKAQVLAEALPWLKQLHGKVVVVKYGGNAMTDDTLRRAFAADMAFLRNCGIHPVVVHGGGPQITAML
RRLGIEGDFKGGFRVTTPEVLDVARMVLFGQVGRELVNLINAHGPYAVGITGEDAQLFTAVRRSVTVDGVATDIGLVGDV
DQVNTAAMLDLVAAGRIPVVSTLAPDADGVVHNINADTAAAAVAEALGAEKLLMLTDIDGLYTRWPDRDSLVSEIDTGTL
AQLLPTLESGMVPKVEACLRAVIGGVPSAHIIDGRVTHCVLVELFTDAGTGTKVVRG
;
_entity_poly.pdbx_strand_id   A
#
loop_
_chem_comp.id
_chem_comp.type
_chem_comp.name
_chem_comp.formula
97T non-polymer 2-(1,2-oxazol-5-yl)phenol 'C9 H7 N O2'
SO4 non-polymer 'SULFATE ION' 'O4 S -2'
#
# COMPACT_ATOMS: atom_id res chain seq x y z
N ILE A 7 -5.38 -28.59 -11.92
CA ILE A 7 -5.80 -27.47 -12.77
C ILE A 7 -5.82 -27.89 -14.24
N GLU A 8 -5.30 -29.09 -14.53
CA GLU A 8 -5.27 -29.59 -15.89
C GLU A 8 -6.43 -30.52 -16.24
N ALA A 9 -7.24 -30.90 -15.26
CA ALA A 9 -8.47 -31.65 -15.49
C ALA A 9 -9.69 -30.76 -15.78
N LEU A 10 -9.46 -29.55 -16.30
CA LEU A 10 -10.49 -28.55 -16.52
C LEU A 10 -10.53 -28.17 -17.99
N PRO A 11 -11.68 -28.26 -18.66
CA PRO A 11 -11.70 -28.11 -20.13
C PRO A 11 -11.08 -26.82 -20.58
N THR A 12 -10.37 -26.90 -21.70
CA THR A 12 -9.65 -25.76 -22.21
C THR A 12 -10.60 -24.68 -22.73
N HIS A 13 -11.85 -25.04 -23.06
CA HIS A 13 -12.76 -24.04 -23.63
C HIS A 13 -13.24 -23.02 -22.60
N ILE A 14 -13.13 -23.32 -21.30
CA ILE A 14 -13.40 -22.30 -20.29
C ILE A 14 -12.12 -21.67 -19.71
N LYS A 15 -10.95 -22.33 -19.83
CA LYS A 15 -9.71 -21.60 -19.61
C LYS A 15 -9.67 -20.37 -20.51
N ALA A 16 -10.12 -20.53 -21.75
CA ALA A 16 -10.14 -19.44 -22.71
C ALA A 16 -11.05 -18.31 -22.24
N GLN A 17 -12.26 -18.66 -21.80
CA GLN A 17 -13.22 -17.62 -21.40
C GLN A 17 -12.74 -16.84 -20.19
N VAL A 18 -11.87 -17.42 -19.35
CA VAL A 18 -11.36 -16.66 -18.21
C VAL A 18 -10.36 -15.61 -18.69
N LEU A 19 -9.45 -16.01 -19.58
CA LEU A 19 -8.55 -15.06 -20.24
C LEU A 19 -9.33 -13.98 -20.98
N ALA A 20 -10.21 -14.39 -21.91
CA ALA A 20 -10.99 -13.42 -22.69
C ALA A 20 -11.69 -12.42 -21.80
N GLU A 21 -12.19 -12.85 -20.63
CA GLU A 21 -12.91 -11.93 -19.75
C GLU A 21 -11.99 -10.93 -19.06
N ALA A 22 -10.67 -11.02 -19.22
CA ALA A 22 -9.77 -10.00 -18.71
C ALA A 22 -9.63 -8.81 -19.65
N LEU A 23 -10.08 -8.92 -20.91
CA LEU A 23 -9.84 -7.85 -21.88
C LEU A 23 -10.35 -6.50 -21.41
N PRO A 24 -11.61 -6.35 -20.93
CA PRO A 24 -12.08 -5.00 -20.57
C PRO A 24 -11.19 -4.32 -19.54
N TRP A 25 -10.62 -5.07 -18.61
CA TRP A 25 -9.76 -4.42 -17.62
C TRP A 25 -8.33 -4.24 -18.11
N LEU A 26 -7.84 -5.10 -19.02
CA LEU A 26 -6.57 -4.79 -19.69
C LEU A 26 -6.64 -3.48 -20.45
N LYS A 27 -7.79 -3.20 -21.09
CA LYS A 27 -7.96 -1.94 -21.81
C LYS A 27 -7.88 -0.74 -20.86
N GLN A 28 -8.69 -0.76 -19.80
CA GLN A 28 -8.80 0.42 -18.94
C GLN A 28 -7.50 0.70 -18.19
N LEU A 29 -6.64 -0.31 -18.02
CA LEU A 29 -5.41 -0.14 -17.25
C LEU A 29 -4.16 -0.01 -18.12
N HIS A 30 -4.25 -0.31 -19.42
CA HIS A 30 -3.07 -0.24 -20.27
C HIS A 30 -2.48 1.17 -20.25
N GLY A 31 -1.21 1.27 -19.88
CA GLY A 31 -0.53 2.54 -19.81
C GLY A 31 -0.79 3.36 -18.57
N LYS A 32 -1.56 2.85 -17.61
CA LYS A 32 -1.87 3.60 -16.39
C LYS A 32 -0.99 3.14 -15.22
N VAL A 33 -1.05 3.93 -14.15
CA VAL A 33 -0.33 3.69 -12.91
C VAL A 33 -1.28 3.08 -11.90
N VAL A 34 -0.85 2.00 -11.23
CA VAL A 34 -1.58 1.36 -10.14
C VAL A 34 -0.68 1.37 -8.91
N VAL A 35 -1.10 2.05 -7.84
CA VAL A 35 -0.31 2.04 -6.60
C VAL A 35 -0.87 0.93 -5.71
N VAL A 36 0.01 0.05 -5.25
CA VAL A 36 -0.40 -1.09 -4.42
C VAL A 36 0.31 -0.97 -3.06
N LYS A 37 -0.49 -0.82 -1.99
CA LYS A 37 0.02 -0.95 -0.64
C LYS A 37 0.08 -2.43 -0.26
N TYR A 38 1.21 -2.83 0.29
CA TYR A 38 1.59 -4.21 0.47
C TYR A 38 1.93 -4.47 1.93
N GLY A 39 1.26 -5.44 2.55
CA GLY A 39 1.53 -5.77 3.93
C GLY A 39 0.70 -6.97 4.36
N GLY A 40 0.74 -7.23 5.67
CA GLY A 40 -0.04 -8.32 6.21
C GLY A 40 0.49 -9.70 5.79
N ASN A 41 -0.40 -10.68 5.83
CA ASN A 41 -0.01 -12.07 5.54
C ASN A 41 0.56 -12.23 4.15
N ALA A 42 0.12 -11.38 3.20
CA ALA A 42 0.65 -11.40 1.85
C ALA A 42 2.15 -11.15 1.83
N MET A 43 2.67 -10.52 2.89
CA MET A 43 4.08 -10.21 3.03
C MET A 43 4.80 -11.19 3.94
N THR A 44 4.06 -11.90 4.79
CA THR A 44 4.67 -12.81 5.77
C THR A 44 4.61 -14.27 5.34
N ASP A 45 3.66 -14.66 4.51
CA ASP A 45 3.62 -16.02 4.00
C ASP A 45 4.36 -16.10 2.67
N ASP A 46 5.11 -17.19 2.50
CA ASP A 46 6.06 -17.24 1.40
C ASP A 46 5.36 -17.51 0.06
N THR A 47 4.33 -18.37 0.05
CA THR A 47 3.56 -18.57 -1.18
C THR A 47 2.81 -17.29 -1.59
N LEU A 48 2.22 -16.58 -0.63
CA LEU A 48 1.54 -15.31 -0.95
C LEU A 48 2.54 -14.30 -1.47
N ARG A 49 3.71 -14.19 -0.81
CA ARG A 49 4.79 -13.32 -1.28
C ARG A 49 5.15 -13.61 -2.73
N ARG A 50 5.41 -14.88 -3.06
CA ARG A 50 5.83 -15.19 -4.42
C ARG A 50 4.74 -14.85 -5.44
N ALA A 51 3.47 -15.07 -5.07
CA ALA A 51 2.39 -14.71 -5.96
C ALA A 51 2.30 -13.20 -6.15
N PHE A 52 2.51 -12.44 -5.07
CA PHE A 52 2.45 -10.99 -5.19
C PHE A 52 3.52 -10.49 -6.17
N ALA A 53 4.76 -10.98 -5.99
CA ALA A 53 5.85 -10.64 -6.89
C ALA A 53 5.51 -11.02 -8.33
N ALA A 54 4.98 -12.22 -8.53
CA ALA A 54 4.61 -12.67 -9.88
C ALA A 54 3.55 -11.77 -10.49
N ASP A 55 2.62 -11.28 -9.68
CA ASP A 55 1.57 -10.39 -10.19
C ASP A 55 2.13 -9.02 -10.58
N MET A 56 3.09 -8.50 -9.82
CA MET A 56 3.81 -7.30 -10.24
C MET A 56 4.48 -7.50 -11.60
N ALA A 57 5.12 -8.65 -11.81
CA ALA A 57 5.69 -8.97 -13.13
C ALA A 57 4.61 -9.02 -14.20
N PHE A 58 3.42 -9.52 -13.84
CA PHE A 58 2.30 -9.62 -14.77
C PHE A 58 1.90 -8.23 -15.27
N LEU A 59 1.53 -7.34 -14.34
CA LEU A 59 1.20 -5.97 -14.72
C LEU A 59 2.25 -5.39 -15.65
N ARG A 60 3.54 -5.55 -15.30
CA ARG A 60 4.61 -4.92 -16.07
C ARG A 60 4.73 -5.53 -17.48
N ASN A 61 4.43 -6.81 -17.65
CA ASN A 61 4.44 -7.40 -18.98
C ASN A 61 3.09 -7.28 -19.70
N CYS A 62 2.17 -6.48 -19.14
CA CYS A 62 0.92 -6.09 -19.79
C CYS A 62 0.89 -4.62 -20.17
N GLY A 63 1.96 -3.87 -19.91
CA GLY A 63 1.93 -2.45 -20.15
C GLY A 63 1.28 -1.63 -19.06
N ILE A 64 1.02 -2.21 -17.92
CA ILE A 64 0.52 -1.49 -16.74
C ILE A 64 1.74 -1.07 -15.93
N HIS A 65 1.60 0.02 -15.15
CA HIS A 65 2.71 0.59 -14.38
C HIS A 65 2.54 0.50 -12.87
N PRO A 66 2.84 -0.64 -12.25
CA PRO A 66 2.69 -0.74 -10.79
C PRO A 66 3.71 0.08 -10.02
N VAL A 67 3.27 0.59 -8.87
CA VAL A 67 4.14 1.18 -7.86
C VAL A 67 3.78 0.51 -6.54
N VAL A 68 4.79 0.01 -5.83
CA VAL A 68 4.56 -0.72 -4.59
C VAL A 68 5.03 0.15 -3.43
N VAL A 69 4.13 0.42 -2.49
CA VAL A 69 4.44 1.03 -1.20
C VAL A 69 4.25 -0.03 -0.12
N HIS A 70 5.28 -0.25 0.72
CA HIS A 70 5.25 -1.33 1.70
C HIS A 70 5.39 -0.81 3.12
N GLY A 71 4.77 -1.51 4.06
CA GLY A 71 4.93 -1.32 5.49
C GLY A 71 5.88 -2.34 6.12
N GLY A 72 5.71 -2.56 7.42
CA GLY A 72 6.58 -3.47 8.14
C GLY A 72 6.74 -3.15 9.62
N GLY A 73 5.66 -2.66 10.22
CA GLY A 73 5.64 -2.28 11.61
C GLY A 73 6.12 -3.39 12.57
N PRO A 74 5.56 -4.61 12.49
CA PRO A 74 6.03 -5.68 13.38
C PRO A 74 7.53 -5.96 13.25
N GLN A 75 8.09 -5.87 12.05
CA GLN A 75 9.51 -6.18 11.90
C GLN A 75 10.39 -5.15 12.56
N ILE A 76 9.99 -3.87 12.53
CA ILE A 76 10.68 -2.84 13.31
C ILE A 76 10.69 -3.19 14.79
N THR A 77 9.51 -3.53 15.33
CA THR A 77 9.37 -3.90 16.74
C THR A 77 10.31 -5.04 17.10
N ALA A 78 10.37 -6.07 16.25
CA ALA A 78 11.24 -7.21 16.56
C ALA A 78 12.71 -6.79 16.60
N MET A 79 13.13 -5.92 15.69
CA MET A 79 14.56 -5.53 15.68
C MET A 79 14.89 -4.66 16.89
N LEU A 80 13.95 -3.81 17.34
CA LEU A 80 14.18 -3.01 18.54
C LEU A 80 14.34 -3.89 19.78
N ARG A 81 13.53 -4.96 19.88
CA ARG A 81 13.67 -5.89 21.01
C ARG A 81 15.02 -6.60 20.95
N ARG A 82 15.44 -7.04 19.75
CA ARG A 82 16.76 -7.67 19.60
C ARG A 82 17.89 -6.71 19.93
N LEU A 83 17.74 -5.41 19.65
CA LEU A 83 18.75 -4.42 20.01
C LEU A 83 18.60 -3.96 21.44
N GLY A 84 17.62 -4.48 22.18
CA GLY A 84 17.42 -4.08 23.56
C GLY A 84 17.12 -2.61 23.74
N ILE A 85 16.51 -1.97 22.75
CA ILE A 85 16.17 -0.55 22.80
C ILE A 85 14.83 -0.37 23.51
N GLU A 86 14.86 0.29 24.67
CA GLU A 86 13.66 0.48 25.48
C GLU A 86 12.73 1.49 24.81
N GLY A 87 11.42 1.18 24.78
CA GLY A 87 10.46 2.08 24.20
C GLY A 87 9.95 3.13 25.17
N ASP A 88 9.48 4.25 24.60
CA ASP A 88 8.63 5.21 25.29
C ASP A 88 7.30 5.25 24.58
N PHE A 89 6.20 5.28 25.35
CA PHE A 89 4.88 5.19 24.75
C PHE A 89 3.96 6.27 25.30
N LYS A 90 3.65 7.25 24.46
CA LYS A 90 2.60 8.21 24.73
C LYS A 90 1.33 7.68 24.08
N GLY A 91 0.23 7.71 24.83
CA GLY A 91 -0.96 7.01 24.39
C GLY A 91 -0.61 5.54 24.18
N GLY A 92 -0.90 5.03 22.99
CA GLY A 92 -0.44 3.71 22.63
C GLY A 92 0.60 3.76 21.52
N PHE A 93 1.29 4.89 21.41
CA PHE A 93 2.22 5.14 20.31
C PHE A 93 3.65 5.10 20.84
N ARG A 94 4.50 4.36 20.13
CA ARG A 94 5.93 4.44 20.38
C ARG A 94 6.46 5.80 19.92
N VAL A 95 7.32 6.40 20.74
CA VAL A 95 7.98 7.65 20.37
C VAL A 95 9.19 7.34 19.49
N THR A 96 9.23 7.94 18.29
CA THR A 96 10.32 7.69 17.33
C THR A 96 11.45 8.68 17.65
N THR A 97 12.41 8.23 18.47
CA THR A 97 13.64 8.96 18.71
C THR A 97 14.54 8.83 17.49
N PRO A 98 15.63 9.61 17.44
CA PRO A 98 16.64 9.38 16.39
C PRO A 98 17.17 7.95 16.37
N GLU A 99 17.28 7.30 17.52
CA GLU A 99 17.70 5.90 17.55
C GLU A 99 16.66 5.01 16.87
N VAL A 100 15.38 5.19 17.20
CA VAL A 100 14.30 4.34 16.62
C VAL A 100 14.21 4.57 15.11
N LEU A 101 14.43 5.80 14.64
CA LEU A 101 14.27 6.09 13.20
C LEU A 101 15.33 5.33 12.40
N ASP A 102 16.58 5.37 12.85
CA ASP A 102 17.67 4.66 12.14
C ASP A 102 17.34 3.17 12.06
N VAL A 103 16.75 2.62 13.12
CA VAL A 103 16.34 1.19 13.11
C VAL A 103 15.18 1.05 12.12
N ALA A 104 14.13 1.87 12.26
CA ALA A 104 13.07 1.83 11.27
C ALA A 104 13.63 1.88 9.85
N ARG A 105 14.53 2.83 9.60
CA ARG A 105 15.01 3.02 8.24
C ARG A 105 15.74 1.78 7.74
N MET A 106 16.65 1.23 8.57
CA MET A 106 17.44 0.11 8.09
C MET A 106 16.61 -1.17 7.96
N VAL A 107 15.60 -1.36 8.82
CA VAL A 107 14.72 -2.52 8.70
C VAL A 107 13.86 -2.40 7.43
N LEU A 108 13.19 -1.26 7.24
CA LEU A 108 12.29 -1.10 6.10
C LEU A 108 13.04 -1.15 4.76
N PHE A 109 14.09 -0.36 4.62
CA PHE A 109 14.78 -0.24 3.34
C PHE A 109 15.84 -1.33 3.13
N GLY A 110 16.54 -1.74 4.18
CA GLY A 110 17.58 -2.74 4.02
C GLY A 110 17.19 -4.18 4.30
N GLN A 111 15.95 -4.43 4.68
CA GLN A 111 15.52 -5.79 4.97
C GLN A 111 14.23 -6.08 4.20
N VAL A 112 13.17 -5.32 4.50
CA VAL A 112 11.85 -5.64 3.98
C VAL A 112 11.76 -5.34 2.48
N GLY A 113 12.21 -4.13 2.07
CA GLY A 113 12.21 -3.79 0.66
C GLY A 113 13.10 -4.71 -0.16
N ARG A 114 14.20 -5.17 0.42
CA ARG A 114 15.12 -6.01 -0.32
C ARG A 114 14.47 -7.34 -0.68
N GLU A 115 13.72 -7.94 0.25
CA GLU A 115 13.05 -9.20 -0.05
C GLU A 115 12.09 -9.03 -1.22
N LEU A 116 11.34 -7.94 -1.24
CA LEU A 116 10.39 -7.74 -2.32
C LEU A 116 11.11 -7.50 -3.64
N VAL A 117 12.12 -6.61 -3.63
CA VAL A 117 12.93 -6.36 -4.81
C VAL A 117 13.42 -7.66 -5.42
N ASN A 118 13.94 -8.56 -4.59
CA ASN A 118 14.51 -9.79 -5.13
C ASN A 118 13.46 -10.78 -5.58
N LEU A 119 12.29 -10.79 -4.94
CA LEU A 119 11.22 -11.68 -5.40
C LEU A 119 10.74 -11.24 -6.77
N ILE A 120 10.49 -9.95 -6.95
CA ILE A 120 10.05 -9.43 -8.28
C ILE A 120 11.17 -9.64 -9.31
N ASN A 121 12.43 -9.45 -8.93
CA ASN A 121 13.54 -9.50 -9.92
C ASN A 121 13.89 -10.92 -10.37
N ALA A 122 13.13 -11.92 -9.94
CA ALA A 122 13.35 -13.29 -10.45
C ALA A 122 12.67 -13.39 -11.81
N HIS A 123 11.86 -12.39 -12.15
CA HIS A 123 11.11 -12.39 -13.43
C HIS A 123 11.76 -11.44 -14.42
N GLY A 124 12.67 -10.58 -13.95
CA GLY A 124 13.39 -9.70 -14.88
C GLY A 124 13.89 -8.43 -14.21
N PRO A 125 14.55 -7.53 -14.94
CA PRO A 125 15.11 -6.31 -14.36
C PRO A 125 14.04 -5.25 -14.14
N TYR A 126 13.22 -5.41 -13.11
CA TYR A 126 12.08 -4.48 -12.95
C TYR A 126 12.15 -3.69 -11.65
N ALA A 127 12.23 -4.39 -10.51
CA ALA A 127 12.14 -3.72 -9.20
C ALA A 127 13.33 -2.84 -8.84
N VAL A 128 13.05 -1.66 -8.30
CA VAL A 128 14.12 -0.74 -7.81
C VAL A 128 13.65 -0.24 -6.45
N GLY A 129 14.53 -0.27 -5.44
CA GLY A 129 14.17 0.18 -4.08
C GLY A 129 14.45 1.66 -3.90
N ILE A 130 13.54 2.39 -3.26
CA ILE A 130 13.68 3.84 -3.13
C ILE A 130 13.03 4.27 -1.82
N THR A 131 13.49 5.43 -1.31
CA THR A 131 12.79 6.21 -0.28
C THR A 131 12.67 7.63 -0.80
N GLY A 132 12.01 8.49 -0.01
CA GLY A 132 11.98 9.90 -0.33
C GLY A 132 13.36 10.53 -0.34
N GLU A 133 14.34 9.91 0.35
CA GLU A 133 15.71 10.41 0.40
C GLU A 133 16.36 10.36 -0.98
N ASP A 134 16.06 9.32 -1.76
CA ASP A 134 16.69 9.11 -3.06
C ASP A 134 16.19 10.04 -4.16
N ALA A 135 17.11 10.75 -4.81
CA ALA A 135 16.78 11.76 -5.83
C ALA A 135 15.73 12.76 -5.38
N GLN A 136 15.50 12.90 -4.06
CA GLN A 136 14.52 13.84 -3.49
C GLN A 136 13.10 13.54 -4.00
N LEU A 137 12.73 12.26 -3.96
CA LEU A 137 11.48 11.86 -4.59
C LEU A 137 10.27 12.34 -3.81
N PHE A 138 10.36 12.41 -2.48
CA PHE A 138 9.30 13.06 -1.73
C PHE A 138 9.83 13.53 -0.40
N THR A 139 9.05 14.44 0.21
CA THR A 139 9.38 15.02 1.49
C THR A 139 8.31 14.66 2.51
N ALA A 140 8.65 14.83 3.77
CA ALA A 140 7.72 14.61 4.87
C ALA A 140 7.54 15.91 5.65
N VAL A 141 6.36 16.04 6.26
CA VAL A 141 6.10 17.08 7.25
C VAL A 141 5.73 16.39 8.55
N ARG A 142 6.37 16.79 9.66
CA ARG A 142 6.15 16.16 10.95
C ARG A 142 4.69 16.24 11.36
N ARG A 143 4.18 15.13 11.93
CA ARG A 143 2.78 15.00 12.31
C ARG A 143 2.67 14.81 13.82
N SER A 144 1.68 15.48 14.41
CA SER A 144 1.30 15.23 15.79
C SER A 144 0.19 14.21 15.84
N VAL A 145 -0.02 13.63 17.02
CA VAL A 145 -1.09 12.60 17.18
C VAL A 145 -1.98 12.98 18.37
N THR A 146 -3.26 12.65 18.31
CA THR A 146 -4.18 13.06 19.40
C THR A 146 -4.30 11.92 20.42
N VAL A 147 -3.69 12.08 21.60
CA VAL A 147 -3.82 11.05 22.66
C VAL A 147 -4.95 11.48 23.60
N ASP A 148 -6.03 10.69 23.67
CA ASP A 148 -7.22 11.03 24.50
C ASP A 148 -7.90 12.28 23.93
N GLY A 149 -7.31 13.46 24.11
CA GLY A 149 -7.87 14.68 23.51
C GLY A 149 -6.78 15.72 23.27
N VAL A 150 -5.53 15.39 23.59
CA VAL A 150 -4.42 16.37 23.44
C VAL A 150 -3.51 15.96 22.29
N ALA A 151 -3.35 16.84 21.29
CA ALA A 151 -2.41 16.57 20.19
C ALA A 151 -1.01 16.56 20.79
N THR A 152 -0.28 15.44 20.64
CA THR A 152 1.02 15.32 21.32
C THR A 152 2.12 14.85 20.37
N ASP A 153 3.35 15.27 20.62
CA ASP A 153 4.51 14.83 19.84
C ASP A 153 4.87 13.38 20.16
N ILE A 154 5.24 12.62 19.11
CA ILE A 154 5.70 11.25 19.25
C ILE A 154 6.90 11.04 18.34
N GLY A 155 7.72 12.08 18.18
CA GLY A 155 9.00 11.96 17.51
C GLY A 155 9.05 12.22 16.02
N LEU A 156 10.03 11.60 15.34
CA LEU A 156 10.25 11.81 13.90
C LEU A 156 9.32 10.93 13.07
N VAL A 157 8.03 11.27 13.14
CA VAL A 157 6.98 10.62 12.37
C VAL A 157 6.22 11.69 11.60
N GLY A 158 5.93 11.40 10.33
CA GLY A 158 5.26 12.40 9.54
C GLY A 158 4.30 11.91 8.48
N ASP A 159 3.91 12.84 7.61
CA ASP A 159 3.02 12.51 6.48
C ASP A 159 3.73 13.06 5.23
N VAL A 160 3.40 12.52 4.06
CA VAL A 160 4.06 12.97 2.81
C VAL A 160 3.67 14.43 2.53
N ASP A 161 4.67 15.30 2.40
CA ASP A 161 4.41 16.72 2.05
C ASP A 161 4.35 17.06 0.56
N GLN A 162 5.47 16.91 -0.15
CA GLN A 162 5.47 17.10 -1.62
C GLN A 162 6.08 15.87 -2.30
N VAL A 163 5.62 15.54 -3.50
CA VAL A 163 6.12 14.41 -4.25
C VAL A 163 6.73 14.87 -5.55
N ASN A 164 7.93 14.43 -5.84
CA ASN A 164 8.53 14.75 -7.12
C ASN A 164 7.82 13.96 -8.22
N THR A 165 6.61 14.39 -8.57
CA THR A 165 5.79 13.69 -9.57
C THR A 165 6.57 13.43 -10.85
N ALA A 166 7.28 14.46 -11.35
CA ALA A 166 8.00 14.34 -12.61
C ALA A 166 9.05 13.22 -12.55
N ALA A 167 9.97 13.29 -11.58
CA ALA A 167 11.00 12.26 -11.44
C ALA A 167 10.38 10.87 -11.27
N MET A 168 9.31 10.76 -10.48
CA MET A 168 8.71 9.46 -10.22
C MET A 168 8.15 8.83 -11.49
N LEU A 169 7.50 9.63 -12.33
CA LEU A 169 6.92 9.07 -13.55
C LEU A 169 7.97 8.79 -14.61
N ASP A 170 9.08 9.54 -14.63
CA ASP A 170 10.22 9.12 -15.44
C ASP A 170 10.67 7.71 -15.06
N LEU A 171 10.84 7.45 -13.76
CA LEU A 171 11.33 6.15 -13.32
C LEU A 171 10.40 5.02 -13.77
N VAL A 172 9.10 5.27 -13.74
CA VAL A 172 8.12 4.20 -14.09
C VAL A 172 8.07 4.04 -15.61
N ALA A 173 8.42 5.10 -16.34
CA ALA A 173 8.36 5.06 -17.83
C ALA A 173 9.58 4.33 -18.36
N ALA A 174 10.62 4.18 -17.55
CA ALA A 174 11.82 3.42 -17.96
C ALA A 174 11.56 1.93 -17.77
N GLY A 175 10.35 1.56 -17.35
CA GLY A 175 9.99 0.14 -17.21
C GLY A 175 10.38 -0.40 -15.85
N ARG A 176 10.46 0.47 -14.85
CA ARG A 176 10.92 0.03 -13.51
C ARG A 176 9.73 -0.02 -12.55
N ILE A 177 9.72 -1.02 -11.67
CA ILE A 177 8.67 -1.10 -10.61
C ILE A 177 9.27 -0.50 -9.34
N PRO A 178 8.85 0.71 -8.93
CA PRO A 178 9.37 1.32 -7.72
C PRO A 178 8.87 0.67 -6.42
N VAL A 179 9.76 0.01 -5.68
CA VAL A 179 9.39 -0.52 -4.33
C VAL A 179 9.72 0.61 -3.37
N VAL A 180 8.70 1.18 -2.73
CA VAL A 180 8.93 2.41 -1.92
C VAL A 180 8.94 2.13 -0.41
N SER A 181 10.02 2.51 0.25
CA SER A 181 10.06 2.45 1.74
C SER A 181 9.66 3.86 2.19
N THR A 182 8.70 3.98 3.11
CA THR A 182 8.10 5.29 3.47
C THR A 182 8.96 6.12 4.42
N LEU A 183 10.07 6.68 3.95
CA LEU A 183 10.90 7.52 4.79
C LEU A 183 11.27 8.70 3.93
N ALA A 184 11.28 9.90 4.48
CA ALA A 184 11.56 11.08 3.66
C ALA A 184 12.10 12.18 4.53
N PRO A 185 12.96 13.04 3.99
CA PRO A 185 13.40 14.23 4.73
C PRO A 185 12.31 15.29 4.81
N ASP A 186 12.31 16.02 5.93
CA ASP A 186 11.48 17.22 6.02
C ASP A 186 12.19 18.35 5.28
N ALA A 187 11.68 19.57 5.39
CA ALA A 187 12.31 20.66 4.66
C ALA A 187 13.67 21.03 5.22
N ASP A 188 14.07 20.48 6.36
CA ASP A 188 15.40 20.69 6.92
C ASP A 188 16.33 19.51 6.72
N GLY A 189 15.90 18.49 5.98
CA GLY A 189 16.75 17.34 5.72
C GLY A 189 16.73 16.27 6.79
N VAL A 190 15.87 16.39 7.80
CA VAL A 190 15.75 15.38 8.84
C VAL A 190 14.71 14.36 8.42
N VAL A 191 15.09 13.07 8.48
CA VAL A 191 14.30 11.99 7.91
C VAL A 191 13.22 11.54 8.89
N HIS A 192 11.99 11.46 8.41
CA HIS A 192 10.88 10.96 9.23
C HIS A 192 10.41 9.62 8.69
N ASN A 193 9.65 8.91 9.51
CA ASN A 193 9.00 7.68 9.12
C ASN A 193 7.53 7.97 8.87
N ILE A 194 7.03 7.61 7.69
CA ILE A 194 5.66 7.90 7.32
C ILE A 194 4.84 6.61 7.38
N ASN A 195 3.61 6.70 7.86
CA ASN A 195 2.70 5.56 7.85
C ASN A 195 2.46 5.10 6.41
N ALA A 196 2.64 3.79 6.17
CA ALA A 196 2.64 3.28 4.81
C ALA A 196 1.28 3.43 4.12
N ASP A 197 0.19 3.29 4.88
CA ASP A 197 -1.14 3.42 4.31
C ASP A 197 -1.34 4.83 3.75
N THR A 198 -0.99 5.86 4.53
CA THR A 198 -1.17 7.22 4.05
C THR A 198 -0.17 7.57 2.94
N ALA A 199 1.08 7.13 3.08
CA ALA A 199 2.04 7.32 2.00
C ALA A 199 1.50 6.78 0.67
N ALA A 200 0.92 5.57 0.70
CA ALA A 200 0.37 4.97 -0.51
C ALA A 200 -0.67 5.89 -1.14
N ALA A 201 -1.59 6.40 -0.32
CA ALA A 201 -2.66 7.27 -0.82
C ALA A 201 -2.11 8.57 -1.40
N ALA A 202 -1.03 9.12 -0.80
CA ALA A 202 -0.49 10.36 -1.33
C ALA A 202 0.30 10.13 -2.62
N VAL A 203 0.99 8.98 -2.75
CA VAL A 203 1.63 8.68 -4.02
C VAL A 203 0.59 8.48 -5.12
N ALA A 204 -0.48 7.74 -4.82
CA ALA A 204 -1.55 7.54 -5.81
C ALA A 204 -2.06 8.87 -6.34
N GLU A 205 -2.36 9.80 -5.43
CA GLU A 205 -2.88 11.10 -5.85
C GLU A 205 -1.83 11.89 -6.64
N ALA A 206 -0.58 11.89 -6.17
CA ALA A 206 0.46 12.68 -6.82
C ALA A 206 0.70 12.21 -8.25
N LEU A 207 0.64 10.91 -8.50
CA LEU A 207 0.97 10.32 -9.79
C LEU A 207 -0.23 10.18 -10.73
N GLY A 208 -1.43 10.54 -10.31
CA GLY A 208 -2.62 10.33 -11.12
C GLY A 208 -2.82 8.85 -11.40
N ALA A 209 -2.69 8.01 -10.36
CA ALA A 209 -2.94 6.59 -10.53
C ALA A 209 -4.40 6.34 -10.93
N GLU A 210 -4.60 5.25 -11.68
CA GLU A 210 -5.94 4.84 -12.07
C GLU A 210 -6.66 4.13 -10.93
N LYS A 211 -5.94 3.33 -10.13
CA LYS A 211 -6.47 2.61 -8.99
C LYS A 211 -5.45 2.64 -7.87
N LEU A 212 -5.96 2.62 -6.63
CA LEU A 212 -5.19 2.35 -5.43
C LEU A 212 -5.66 1.01 -4.86
N LEU A 213 -4.74 0.07 -4.69
CA LEU A 213 -5.03 -1.22 -4.06
C LEU A 213 -4.42 -1.26 -2.67
N MET A 214 -5.26 -1.56 -1.67
CA MET A 214 -4.87 -1.68 -0.26
C MET A 214 -5.02 -3.14 0.18
N LEU A 215 -3.91 -3.87 0.23
CA LEU A 215 -3.94 -5.25 0.73
C LEU A 215 -4.11 -5.28 2.24
N THR A 216 -5.05 -6.11 2.71
CA THR A 216 -5.52 -6.13 4.08
C THR A 216 -5.87 -7.56 4.43
N ASP A 217 -5.78 -7.91 5.72
CA ASP A 217 -6.15 -9.25 6.18
C ASP A 217 -7.63 -9.35 6.55
N ILE A 218 -8.49 -8.97 5.61
CA ILE A 218 -9.91 -9.06 5.83
C ILE A 218 -10.61 -9.38 4.52
N ASP A 219 -11.90 -9.68 4.57
CA ASP A 219 -12.63 -9.98 3.35
C ASP A 219 -12.95 -8.72 2.62
N GLY A 220 -13.24 -7.69 3.39
CA GLY A 220 -13.60 -6.41 2.84
C GLY A 220 -14.18 -5.57 3.95
N LEU A 221 -14.77 -4.45 3.60
CA LEU A 221 -15.36 -3.54 4.58
C LEU A 221 -16.68 -4.08 5.10
N TYR A 222 -16.77 -4.23 6.42
CA TYR A 222 -18.01 -4.58 7.10
C TYR A 222 -18.57 -3.32 7.77
N THR A 223 -19.82 -2.98 7.45
CA THR A 223 -20.46 -1.79 8.02
C THR A 223 -20.62 -1.92 9.54
N ARG A 224 -21.17 -3.04 9.99
CA ARG A 224 -21.44 -3.28 11.40
C ARG A 224 -20.89 -4.67 11.76
N TRP A 225 -19.56 -4.79 11.73
CA TRP A 225 -18.89 -6.01 12.14
C TRP A 225 -19.34 -6.41 13.55
N PRO A 226 -19.59 -7.71 13.79
CA PRO A 226 -19.40 -8.79 12.82
C PRO A 226 -20.68 -9.37 12.17
N ASP A 227 -21.66 -8.52 11.81
CA ASP A 227 -22.78 -8.97 10.98
C ASP A 227 -22.21 -9.44 9.65
N ARG A 228 -22.31 -10.75 9.36
CA ARG A 228 -21.63 -11.30 8.20
C ARG A 228 -22.10 -10.66 6.90
N ASP A 229 -23.35 -10.20 6.85
CA ASP A 229 -23.92 -9.62 5.64
C ASP A 229 -23.96 -8.10 5.65
N SER A 230 -23.23 -7.46 6.56
CA SER A 230 -22.91 -6.05 6.47
C SER A 230 -21.72 -5.79 5.55
N LEU A 231 -21.26 -6.79 4.80
CA LEU A 231 -20.16 -6.60 3.88
C LEU A 231 -20.67 -5.93 2.61
N VAL A 232 -19.99 -4.85 2.20
CA VAL A 232 -20.32 -4.12 0.98
C VAL A 232 -19.25 -4.40 -0.06
N SER A 233 -19.62 -4.31 -1.34
CA SER A 233 -18.64 -4.48 -2.41
C SER A 233 -18.30 -3.19 -3.12
N GLU A 234 -19.16 -2.16 -3.01
CA GLU A 234 -18.90 -0.82 -3.52
C GLU A 234 -19.54 0.18 -2.56
N ILE A 235 -19.01 1.40 -2.52
CA ILE A 235 -19.46 2.45 -1.62
C ILE A 235 -18.76 3.75 -2.00
N ASP A 236 -19.41 4.89 -1.78
CA ASP A 236 -18.80 6.16 -2.14
C ASP A 236 -18.26 6.89 -0.92
N THR A 237 -17.53 7.99 -1.16
CA THR A 237 -16.79 8.64 -0.08
C THR A 237 -17.74 9.23 0.97
N GLY A 238 -18.78 9.92 0.53
CA GLY A 238 -19.68 10.55 1.48
C GLY A 238 -20.27 9.56 2.47
N THR A 239 -20.77 8.43 1.96
CA THR A 239 -21.26 7.37 2.84
C THR A 239 -20.15 6.86 3.73
N LEU A 240 -19.00 6.52 3.14
CA LEU A 240 -17.89 5.94 3.89
C LEU A 240 -17.44 6.88 5.00
N ALA A 241 -17.28 8.16 4.70
CA ALA A 241 -16.80 9.11 5.71
C ALA A 241 -17.69 9.12 6.94
N GLN A 242 -19.02 9.12 6.77
CA GLN A 242 -19.92 9.15 7.92
C GLN A 242 -19.82 7.89 8.77
N LEU A 243 -19.23 6.82 8.22
CA LEU A 243 -19.11 5.53 8.89
C LEU A 243 -17.77 5.33 9.59
N LEU A 244 -16.75 6.04 9.14
CA LEU A 244 -15.39 5.86 9.68
C LEU A 244 -15.32 5.88 11.21
N PRO A 245 -16.05 6.75 11.95
CA PRO A 245 -15.91 6.77 13.41
C PRO A 245 -16.37 5.51 14.13
N THR A 246 -16.93 4.52 13.41
CA THR A 246 -17.51 3.33 14.04
C THR A 246 -16.68 2.07 13.88
N LEU A 247 -15.67 2.06 13.01
CA LEU A 247 -15.02 0.84 12.61
C LEU A 247 -13.86 0.51 13.54
N GLU A 248 -13.51 -0.78 13.59
CA GLU A 248 -12.41 -1.25 14.43
C GLU A 248 -11.14 -0.46 14.12
N SER A 249 -10.28 -0.34 15.15
CA SER A 249 -9.05 0.43 15.01
C SER A 249 -8.20 -0.05 13.85
N GLY A 250 -8.24 -1.35 13.55
CA GLY A 250 -7.44 -1.85 12.43
C GLY A 250 -7.84 -1.26 11.10
N MET A 251 -9.14 -1.06 10.89
CA MET A 251 -9.61 -0.67 9.57
C MET A 251 -9.50 0.83 9.29
N VAL A 252 -9.33 1.66 10.32
CA VAL A 252 -9.31 3.11 10.10
C VAL A 252 -8.22 3.52 9.13
N PRO A 253 -6.95 3.11 9.29
CA PRO A 253 -5.91 3.64 8.38
C PRO A 253 -6.17 3.35 6.92
N LYS A 254 -6.73 2.17 6.61
CA LYS A 254 -6.96 1.82 5.22
C LYS A 254 -8.13 2.62 4.63
N VAL A 255 -9.13 2.92 5.45
CA VAL A 255 -10.30 3.67 4.99
C VAL A 255 -9.94 5.14 4.81
N GLU A 256 -9.11 5.68 5.71
CA GLU A 256 -8.67 7.05 5.55
C GLU A 256 -7.84 7.21 4.28
N ALA A 257 -6.98 6.23 3.99
CA ALA A 257 -6.22 6.28 2.74
C ALA A 257 -7.14 6.30 1.52
N CYS A 258 -8.19 5.47 1.54
CA CYS A 258 -9.08 5.41 0.39
C CYS A 258 -9.85 6.71 0.21
N LEU A 259 -10.22 7.39 1.30
CA LEU A 259 -10.95 8.65 1.17
C LEU A 259 -10.04 9.76 0.65
N ARG A 260 -8.84 9.87 1.21
CA ARG A 260 -7.90 10.88 0.74
C ARG A 260 -7.58 10.68 -0.73
N ALA A 261 -7.42 9.42 -1.15
CA ALA A 261 -7.07 9.11 -2.53
C ALA A 261 -8.21 9.42 -3.49
N VAL A 262 -9.39 8.87 -3.21
CA VAL A 262 -10.51 9.01 -4.13
C VAL A 262 -11.00 10.46 -4.17
N ILE A 263 -11.02 11.12 -3.00
CA ILE A 263 -11.35 12.54 -3.00
C ILE A 263 -10.28 13.34 -3.74
N GLY A 264 -9.03 12.92 -3.63
CA GLY A 264 -7.97 13.53 -4.41
C GLY A 264 -8.02 13.23 -5.88
N GLY A 265 -9.04 12.50 -6.35
CA GLY A 265 -9.23 12.31 -7.77
C GLY A 265 -8.75 10.98 -8.32
N VAL A 266 -8.25 10.07 -7.49
CA VAL A 266 -8.02 8.70 -7.97
C VAL A 266 -9.37 8.05 -8.26
N PRO A 267 -9.59 7.51 -9.46
CA PRO A 267 -10.92 6.98 -9.81
C PRO A 267 -11.49 5.95 -8.83
N SER A 268 -10.73 4.96 -8.41
CA SER A 268 -11.23 4.05 -7.39
C SER A 268 -10.08 3.57 -6.52
N ALA A 269 -10.37 3.43 -5.21
CA ALA A 269 -9.51 2.76 -4.26
C ALA A 269 -10.19 1.46 -3.86
N HIS A 270 -9.39 0.43 -3.62
CA HIS A 270 -9.95 -0.88 -3.33
C HIS A 270 -9.30 -1.45 -2.06
N ILE A 271 -10.11 -2.11 -1.25
CA ILE A 271 -9.65 -2.86 -0.09
C ILE A 271 -9.87 -4.33 -0.42
N ILE A 272 -8.78 -5.09 -0.52
CA ILE A 272 -8.85 -6.47 -0.99
C ILE A 272 -8.17 -7.39 0.02
N ASP A 273 -8.46 -8.69 -0.11
CA ASP A 273 -8.05 -9.70 0.86
C ASP A 273 -6.65 -10.21 0.52
N GLY A 274 -5.64 -9.73 1.26
CA GLY A 274 -4.26 -10.15 1.09
C GLY A 274 -3.98 -11.61 1.40
N ARG A 275 -4.89 -12.32 2.07
CA ARG A 275 -4.64 -13.73 2.32
C ARG A 275 -5.05 -14.61 1.15
N VAL A 276 -5.65 -14.04 0.12
CA VAL A 276 -6.01 -14.75 -1.10
C VAL A 276 -4.81 -14.73 -2.05
N THR A 277 -4.33 -15.91 -2.44
CA THR A 277 -3.28 -16.01 -3.45
C THR A 277 -3.69 -15.30 -4.72
N HIS A 278 -2.78 -14.47 -5.26
CA HIS A 278 -2.98 -13.73 -6.52
C HIS A 278 -4.13 -12.73 -6.41
N CYS A 279 -4.29 -12.12 -5.23
CA CYS A 279 -5.44 -11.26 -4.99
C CYS A 279 -5.52 -10.10 -5.98
N VAL A 280 -4.38 -9.53 -6.37
CA VAL A 280 -4.48 -8.37 -7.28
C VAL A 280 -4.91 -8.83 -8.67
N LEU A 281 -4.55 -10.06 -9.07
CA LEU A 281 -5.08 -10.60 -10.32
C LEU A 281 -6.61 -10.70 -10.29
N VAL A 282 -7.18 -11.25 -9.20
CA VAL A 282 -8.63 -11.39 -9.15
C VAL A 282 -9.28 -10.02 -9.09
N GLU A 283 -8.68 -9.08 -8.35
CA GLU A 283 -9.29 -7.77 -8.18
C GLU A 283 -9.26 -6.94 -9.46
N LEU A 284 -8.22 -7.10 -10.28
CA LEU A 284 -8.07 -6.26 -11.46
C LEU A 284 -8.66 -6.86 -12.72
N PHE A 285 -8.62 -8.18 -12.89
CA PHE A 285 -8.97 -8.82 -14.15
C PHE A 285 -10.13 -9.80 -14.03
N THR A 286 -11.00 -9.60 -13.04
CA THR A 286 -12.04 -10.56 -12.70
C THR A 286 -13.12 -9.83 -11.91
N ASP A 287 -14.38 -10.11 -12.23
CA ASP A 287 -15.50 -9.53 -11.49
C ASP A 287 -15.86 -10.34 -10.25
N ALA A 288 -15.00 -11.27 -9.84
CA ALA A 288 -15.23 -12.14 -8.70
C ALA A 288 -14.50 -11.66 -7.46
N GLY A 289 -13.91 -10.47 -7.51
CA GLY A 289 -13.19 -9.97 -6.36
C GLY A 289 -14.09 -9.82 -5.15
N THR A 290 -13.58 -10.26 -4.00
CA THR A 290 -14.29 -10.09 -2.74
C THR A 290 -14.03 -8.74 -2.08
N GLY A 291 -13.14 -7.91 -2.63
CA GLY A 291 -12.82 -6.67 -1.98
C GLY A 291 -13.98 -5.70 -2.01
N THR A 292 -13.70 -4.45 -1.59
CA THR A 292 -14.67 -3.37 -1.61
C THR A 292 -14.10 -2.14 -2.32
N LYS A 293 -14.86 -1.58 -3.27
CA LYS A 293 -14.43 -0.49 -4.12
C LYS A 293 -14.97 0.85 -3.61
N VAL A 294 -14.12 1.87 -3.63
CA VAL A 294 -14.49 3.21 -3.15
C VAL A 294 -14.42 4.20 -4.31
N VAL A 295 -15.55 4.80 -4.64
CA VAL A 295 -15.65 5.86 -5.63
C VAL A 295 -16.06 7.14 -4.93
N ARG A 296 -16.03 8.27 -5.65
CA ARG A 296 -16.43 9.52 -5.03
C ARG A 296 -17.92 9.76 -5.23
N GLY A 297 -18.53 10.42 -4.24
CA GLY A 297 -19.91 10.87 -4.35
C GLY A 297 -20.36 11.77 -3.21
O01 97T B . 16.93 3.65 -7.90
C02 97T B . 16.61 4.79 -8.65
C03 97T B . 16.12 5.90 -7.98
C04 97T B . 15.78 7.04 -8.70
C05 97T B . 15.94 7.07 -10.07
C06 97T B . 16.44 5.95 -10.74
C07 97T B . 16.78 4.81 -10.03
C08 97T B . 17.27 3.72 -10.75
O09 97T B . 16.92 3.38 -12.00
N10 97T B . 17.61 2.25 -12.36
C11 97T B . 18.38 1.87 -11.35
C12 97T B . 18.20 2.77 -10.32
S SO4 C . 8.17 -3.61 24.11
O1 SO4 C . 7.08 -4.48 24.55
O2 SO4 C . 8.08 -2.30 24.76
O3 SO4 C . 8.11 -3.40 22.66
O4 SO4 C . 9.44 -4.24 24.47
S SO4 D . -13.73 -2.57 -11.33
O1 SO4 D . -14.52 -2.97 -12.50
O2 SO4 D . -14.31 -1.38 -10.71
O3 SO4 D . -12.36 -2.26 -11.72
O4 SO4 D . -13.71 -3.66 -10.35
#